data_3B6C
#
_entry.id   3B6C
#
_cell.length_a   55.969
_cell.length_b   79.396
_cell.length_c   103.453
_cell.angle_alpha   90.00
_cell.angle_beta   90.00
_cell.angle_gamma   90.00
#
_symmetry.space_group_name_H-M   'P 21 21 21'
#
loop_
_entity.id
_entity.type
_entity.pdbx_description
1 polymer 'ActII protein'
2 non-polymer '[(3S)-9-hydroxy-1-methyl-10-oxo-4,10-dihydro-3H-benzo[g]isochromen-3-yl]acetic acid'
3 water water
#
_entity_poly.entity_id   1
_entity_poly.type   'polypeptide(L)'
_entity_poly.pdbx_seq_one_letter_code
;GAMAPLTQDRIVVTALGILDAEGLDALSMRRLAQELKTGHASLYAHVGNRDELLDLVFDIVLTEVEVPEPEPGRWAEQVK
EMCRSLRRMFLAHRDLARIAIDRVPLGPNGMVGMERTMNLLRSGGLHDELAAYGGDLLSTFVTAEALEQSSRNPGTEQGR
EQAGVFADQLHGYLKSLPATSFPNLVHLAGPITSLDSDRRFELGLEIIIAGLLAGAGEAADDQVRTAGSPPAES
;
_entity_poly.pdbx_strand_id   A,B
#
# COMPACT_ATOMS: atom_id res chain seq x y z
N MET A 3 32.24 29.02 2.32
CA MET A 3 31.26 28.24 3.09
C MET A 3 30.43 29.07 4.05
N ALA A 4 29.16 28.74 4.12
CA ALA A 4 28.30 29.35 5.13
C ALA A 4 27.88 28.24 6.10
N PRO A 5 27.78 28.62 7.37
CA PRO A 5 27.33 27.69 8.42
C PRO A 5 26.23 26.76 7.93
N LEU A 6 26.44 25.46 8.03
CA LEU A 6 25.39 24.48 7.77
C LEU A 6 24.09 24.88 8.45
N THR A 7 22.99 24.82 7.70
CA THR A 7 21.66 24.79 8.30
C THR A 7 20.93 23.50 7.94
N GLN A 8 19.91 23.18 8.73
CA GLN A 8 19.13 21.96 8.52
C GLN A 8 18.52 21.94 7.11
N ASP A 9 18.05 23.09 6.66
CA ASP A 9 17.28 23.18 5.43
C ASP A 9 18.17 23.00 4.21
N ARG A 10 19.38 23.54 4.28
CA ARG A 10 20.35 23.38 3.21
C ARG A 10 20.84 21.94 3.13
N ILE A 11 21.11 21.34 4.29
CA ILE A 11 21.36 19.91 4.37
C ILE A 11 20.27 19.11 3.67
N VAL A 12 19.01 19.45 3.97
CA VAL A 12 17.88 18.63 3.55
C VAL A 12 17.58 18.81 2.07
N VAL A 13 17.78 20.04 1.58
CA VAL A 13 17.59 20.33 0.17
C VAL A 13 18.60 19.53 -0.63
N THR A 14 19.84 19.54 -0.18
CA THR A 14 20.91 18.82 -0.83
C THR A 14 20.63 17.32 -0.86
N ALA A 15 20.07 16.79 0.22
CA ALA A 15 19.75 15.36 0.27
C ALA A 15 18.67 15.03 -0.73
N LEU A 16 17.69 15.93 -0.86
CA LEU A 16 16.60 15.71 -1.80
C LEU A 16 17.14 15.72 -3.24
N GLY A 17 18.17 16.55 -3.47
CA GLY A 17 18.77 16.66 -4.79
C GLY A 17 19.43 15.35 -5.19
N ILE A 18 20.15 14.74 -4.27
CA ILE A 18 20.81 13.45 -4.51
C ILE A 18 19.70 12.42 -4.74
N LEU A 19 18.71 12.41 -3.86
CA LEU A 19 17.55 11.54 -4.01
C LEU A 19 16.99 11.64 -5.43
N ASP A 20 16.66 12.85 -5.85
CA ASP A 20 15.94 13.06 -7.11
C ASP A 20 16.76 12.57 -8.30
N ALA A 21 18.08 12.75 -8.22
CA ALA A 21 18.95 12.52 -9.36
C ALA A 21 19.41 11.07 -9.44
N GLU A 22 19.51 10.43 -8.28
CA GLU A 22 20.38 9.27 -8.11
C GLU A 22 19.70 8.17 -7.31
N GLY A 23 18.65 8.54 -6.59
CA GLY A 23 17.74 7.56 -6.01
C GLY A 23 18.08 7.25 -4.57
N LEU A 24 17.24 6.44 -3.93
CA LEU A 24 17.29 6.25 -2.49
C LEU A 24 18.65 5.73 -2.05
N ASP A 25 19.20 4.81 -2.82
CA ASP A 25 20.31 3.99 -2.36
C ASP A 25 21.63 4.74 -2.47
N ALA A 26 21.63 5.83 -3.23
CA ALA A 26 22.80 6.68 -3.34
C ALA A 26 22.80 7.77 -2.27
N LEU A 27 21.76 7.78 -1.45
CA LEU A 27 21.69 8.71 -0.32
C LEU A 27 22.31 8.10 0.93
N SER A 28 23.59 8.37 1.14
CA SER A 28 24.26 8.04 2.39
C SER A 28 24.72 9.30 3.11
N MET A 29 24.86 9.20 4.43
CA MET A 29 25.41 10.29 5.23
C MET A 29 26.82 10.65 4.77
N ARG A 30 27.55 9.66 4.28
CA ARG A 30 28.89 9.89 3.76
C ARG A 30 28.85 10.65 2.44
N ARG A 31 27.91 10.28 1.58
CA ARG A 31 27.73 10.96 0.29
C ARG A 31 27.27 12.40 0.52
N LEU A 32 26.36 12.59 1.48
CA LEU A 32 25.83 13.91 1.80
C LEU A 32 26.92 14.80 2.35
N ALA A 33 27.81 14.24 3.17
CA ALA A 33 28.94 14.99 3.75
C ALA A 33 29.84 15.44 2.58
N GLN A 34 30.18 14.51 1.70
CA GLN A 34 30.93 14.85 0.51
C GLN A 34 30.28 16.05 -0.17
N GLU A 35 29.04 15.88 -0.64
CA GLU A 35 28.35 16.94 -1.37
C GLU A 35 28.35 18.28 -0.66
N LEU A 36 28.19 18.27 0.66
CA LEU A 36 28.17 19.51 1.42
C LEU A 36 29.54 20.08 1.79
N LYS A 37 30.58 19.24 1.72
CA LYS A 37 31.94 19.64 2.08
C LYS A 37 32.01 20.01 3.55
N THR A 38 31.55 19.11 4.40
CA THR A 38 31.53 19.35 5.84
C THR A 38 31.91 18.09 6.60
N GLY A 39 32.09 18.20 7.90
CA GLY A 39 32.46 17.05 8.70
C GLY A 39 31.23 16.27 9.13
N HIS A 40 31.43 15.03 9.53
CA HIS A 40 30.32 14.20 9.97
C HIS A 40 29.70 14.66 11.29
N ALA A 41 30.42 15.47 12.05
CA ALA A 41 29.91 15.96 13.33
C ALA A 41 28.83 17.03 13.12
N SER A 42 29.18 18.06 12.36
CA SER A 42 28.22 19.13 12.09
C SER A 42 27.01 18.58 11.34
N LEU A 43 27.22 17.59 10.48
CA LEU A 43 26.11 16.99 9.74
C LEU A 43 25.19 16.29 10.73
N TYR A 44 25.77 15.44 11.59
CA TYR A 44 24.99 14.69 12.57
C TYR A 44 24.30 15.63 13.55
N ALA A 45 25.06 16.62 14.03
CA ALA A 45 24.51 17.62 14.94
C ALA A 45 23.12 18.07 14.51
N HIS A 46 22.89 18.06 13.20
CA HIS A 46 21.82 18.86 12.61
C HIS A 46 20.60 17.99 12.27
N VAL A 47 20.86 16.74 11.95
CA VAL A 47 19.89 15.92 11.22
C VAL A 47 19.87 14.49 11.74
N GLY A 48 20.85 14.15 12.58
CA GLY A 48 20.95 12.82 13.14
C GLY A 48 21.43 11.80 12.13
N ASN A 49 20.91 10.57 12.23
CA ASN A 49 21.29 9.49 11.32
C ASN A 49 20.47 9.50 10.01
N ARG A 50 20.78 8.56 9.11
CA ARG A 50 20.09 8.47 7.84
C ARG A 50 18.57 8.37 8.01
N ASP A 51 18.13 7.52 8.92
CA ASP A 51 16.70 7.35 9.17
C ASP A 51 16.02 8.68 9.47
N GLU A 52 16.67 9.52 10.29
CA GLU A 52 16.13 10.83 10.66
C GLU A 52 16.22 11.79 9.47
N LEU A 53 17.31 11.68 8.73
CA LEU A 53 17.46 12.47 7.53
C LEU A 53 16.21 12.27 6.63
N LEU A 54 15.76 11.01 6.52
CA LEU A 54 14.65 10.67 5.62
C LEU A 54 13.30 11.20 6.01
N ASP A 55 13.09 11.25 7.32
CA ASP A 55 11.87 11.85 7.86
C ASP A 55 11.88 13.33 7.44
N LEU A 56 13.03 14.01 7.57
CA LEU A 56 13.15 15.41 7.21
C LEU A 56 12.93 15.65 5.72
N VAL A 57 13.47 14.78 4.88
CA VAL A 57 13.33 14.91 3.43
C VAL A 57 11.87 14.78 3.03
N PHE A 58 11.22 13.79 3.61
CA PHE A 58 9.82 13.54 3.34
C PHE A 58 8.96 14.75 3.71
N ASP A 59 9.14 15.27 4.92
CA ASP A 59 8.35 16.40 5.36
C ASP A 59 8.54 17.64 4.50
N ILE A 60 9.77 17.91 4.09
CA ILE A 60 10.02 19.09 3.28
C ILE A 60 9.33 19.10 1.92
N VAL A 61 9.10 17.93 1.34
CA VAL A 61 8.45 17.91 0.04
C VAL A 61 6.94 18.09 0.17
N LEU A 62 6.39 17.70 1.31
CA LEU A 62 4.96 17.86 1.49
C LEU A 62 4.50 19.29 1.25
N THR A 63 5.41 20.26 1.31
CA THR A 63 4.98 21.63 1.04
C THR A 63 4.40 21.76 -0.37
N GLU A 64 4.78 20.85 -1.26
CA GLU A 64 4.28 20.87 -2.64
C GLU A 64 2.80 20.46 -2.74
N VAL A 65 2.28 19.82 -1.71
CA VAL A 65 0.91 19.39 -1.80
C VAL A 65 -0.08 20.48 -1.37
N GLU A 66 -1.14 20.63 -2.15
CA GLU A 66 -2.14 21.64 -1.88
C GLU A 66 -3.46 21.13 -1.36
N VAL A 67 -3.82 21.51 -0.14
CA VAL A 67 -5.12 21.15 0.42
C VAL A 67 -6.03 22.37 0.49
N PRO A 68 -6.92 22.49 -0.50
CA PRO A 68 -7.80 23.67 -0.61
C PRO A 68 -8.55 23.93 0.68
N GLU A 69 -8.74 25.20 1.02
CA GLU A 69 -9.74 25.60 2.00
C GLU A 69 -11.15 25.29 1.50
N PRO A 70 -11.94 24.65 2.34
CA PRO A 70 -13.24 24.12 1.93
C PRO A 70 -14.11 25.19 1.27
N GLU A 71 -14.41 25.01 0.00
CA GLU A 71 -15.50 25.75 -0.65
C GLU A 71 -16.76 24.90 -0.71
N PRO A 72 -17.86 25.43 -0.18
CA PRO A 72 -19.14 24.73 -0.18
C PRO A 72 -19.68 24.53 -1.59
N GLY A 73 -20.07 23.30 -1.91
CA GLY A 73 -20.48 22.96 -3.26
C GLY A 73 -19.61 21.89 -3.87
N ARG A 74 -18.35 21.85 -3.46
CA ARG A 74 -17.29 21.26 -4.28
C ARG A 74 -16.46 20.26 -3.48
N TRP A 75 -17.00 19.84 -2.34
CA TRP A 75 -16.29 18.92 -1.46
C TRP A 75 -15.63 17.79 -2.23
N ALA A 76 -16.45 17.01 -2.93
CA ALA A 76 -15.96 15.82 -3.62
C ALA A 76 -14.78 16.14 -4.52
N GLU A 77 -14.88 17.24 -5.25
CA GLU A 77 -13.87 17.62 -6.22
C GLU A 77 -12.59 18.16 -5.59
N GLN A 78 -12.75 18.81 -4.45
CA GLN A 78 -11.62 19.35 -3.71
C GLN A 78 -10.82 18.21 -3.10
N VAL A 79 -11.51 17.13 -2.76
CA VAL A 79 -10.83 15.98 -2.20
C VAL A 79 -10.00 15.35 -3.29
N LYS A 80 -10.55 15.26 -4.49
CA LYS A 80 -9.80 14.67 -5.59
C LYS A 80 -8.62 15.54 -5.93
N GLU A 81 -8.81 16.84 -5.76
CA GLU A 81 -7.79 17.85 -6.02
C GLU A 81 -6.59 17.62 -5.12
N MET A 82 -6.86 17.45 -3.84
CA MET A 82 -5.82 17.24 -2.86
C MET A 82 -5.03 15.97 -3.18
N CYS A 83 -5.74 14.91 -3.56
CA CYS A 83 -5.11 13.66 -3.88
C CYS A 83 -4.27 13.74 -5.14
N ARG A 84 -4.76 14.44 -6.15
CA ARG A 84 -4.00 14.57 -7.38
C ARG A 84 -2.71 15.31 -7.08
N SER A 85 -2.78 16.29 -6.19
CA SER A 85 -1.61 17.08 -5.82
C SER A 85 -0.59 16.23 -5.07
N LEU A 86 -1.08 15.43 -4.12
CA LEU A 86 -0.23 14.48 -3.41
C LEU A 86 0.41 13.48 -4.38
N ARG A 87 -0.38 13.02 -5.35
CA ARG A 87 0.15 12.15 -6.39
C ARG A 87 1.23 12.84 -7.21
N ARG A 88 0.99 14.10 -7.55
CA ARG A 88 1.97 14.90 -8.28
C ARG A 88 3.32 14.88 -7.58
N MET A 89 3.30 15.11 -6.26
CA MET A 89 4.53 15.22 -5.49
C MET A 89 5.35 13.93 -5.56
N PHE A 90 4.66 12.80 -5.41
CA PHE A 90 5.31 11.50 -5.52
C PHE A 90 5.96 11.32 -6.89
N LEU A 91 5.25 11.69 -7.95
CA LEU A 91 5.72 11.50 -9.31
C LEU A 91 6.91 12.41 -9.61
N ALA A 92 6.97 13.53 -8.90
CA ALA A 92 8.04 14.51 -9.10
C ALA A 92 9.31 14.09 -8.36
N HIS A 93 9.17 13.11 -7.48
CA HIS A 93 10.21 12.83 -6.49
C HIS A 93 10.52 11.33 -6.42
N ARG A 94 11.77 10.99 -6.68
CA ARG A 94 12.15 9.60 -6.92
C ARG A 94 12.35 8.84 -5.61
N ASP A 95 11.74 7.67 -5.52
CA ASP A 95 11.95 6.78 -4.36
C ASP A 95 11.21 7.29 -3.13
N LEU A 96 10.45 8.37 -3.32
CA LEU A 96 9.78 9.03 -2.21
C LEU A 96 8.67 8.15 -1.63
N ALA A 97 7.77 7.69 -2.50
CA ALA A 97 6.67 6.82 -2.09
C ALA A 97 7.23 5.65 -1.26
N ARG A 98 8.39 5.15 -1.65
CA ARG A 98 9.07 4.11 -0.89
C ARG A 98 9.33 4.64 0.54
N ILE A 99 9.93 5.82 0.66
CA ILE A 99 10.24 6.39 1.95
C ILE A 99 9.02 6.61 2.81
N ALA A 100 7.92 7.00 2.20
CA ALA A 100 6.70 7.34 2.93
C ALA A 100 6.04 6.09 3.51
N ILE A 101 6.51 4.92 3.07
CA ILE A 101 5.78 3.68 3.27
C ILE A 101 5.92 3.17 4.69
N ASP A 102 6.82 3.79 5.45
CA ASP A 102 7.11 3.37 6.82
C ASP A 102 7.35 4.57 7.73
N ARG A 103 6.57 5.62 7.54
CA ARG A 103 6.91 6.94 8.04
C ARG A 103 5.67 7.75 8.39
N VAL A 104 5.72 8.46 9.51
CA VAL A 104 4.59 9.28 9.95
C VAL A 104 4.76 10.73 9.51
N PRO A 105 4.00 11.14 8.51
CA PRO A 105 4.07 12.52 7.99
C PRO A 105 4.38 13.53 9.08
N LEU A 106 3.73 13.38 10.24
CA LEU A 106 3.94 14.28 11.36
C LEU A 106 5.18 15.15 11.15
N GLY A 107 4.99 16.47 11.26
CA GLY A 107 6.09 17.40 11.08
C GLY A 107 5.62 18.72 10.47
N PRO A 108 6.32 19.79 10.80
CA PRO A 108 5.98 21.12 10.27
C PRO A 108 4.78 21.07 9.33
N ASN A 109 5.04 20.83 8.05
CA ASN A 109 3.99 20.74 7.05
C ASN A 109 3.20 19.45 7.15
N GLY A 110 3.86 18.38 7.57
CA GLY A 110 3.23 17.09 7.71
C GLY A 110 1.95 17.15 8.53
N MET A 111 2.06 17.72 9.73
CA MET A 111 0.91 17.85 10.62
C MET A 111 -0.07 18.90 10.11
N VAL A 112 0.47 20.00 9.58
CA VAL A 112 -0.35 21.08 9.05
C VAL A 112 -1.29 20.58 7.96
N GLY A 113 -0.77 19.69 7.12
CA GLY A 113 -1.53 19.17 5.99
C GLY A 113 -2.53 18.11 6.41
N MET A 114 -2.28 17.48 7.54
CA MET A 114 -3.25 16.58 8.16
C MET A 114 -4.39 17.36 8.79
N GLU A 115 -4.04 18.37 9.58
CA GLU A 115 -5.02 19.33 10.08
C GLU A 115 -5.93 19.82 8.96
N ARG A 116 -5.32 20.21 7.84
CA ARG A 116 -6.07 20.78 6.72
C ARG A 116 -6.90 19.72 6.01
N THR A 117 -6.41 18.48 6.06
CA THR A 117 -7.11 17.36 5.41
C THR A 117 -8.34 16.96 6.20
N MET A 118 -8.17 16.80 7.51
CA MET A 118 -9.29 16.46 8.38
C MET A 118 -10.34 17.57 8.32
N ASN A 119 -9.89 18.82 8.16
CA ASN A 119 -10.80 19.97 8.06
C ASN A 119 -11.65 19.81 6.78
N LEU A 120 -11.02 19.45 5.67
CA LEU A 120 -11.75 19.24 4.43
C LEU A 120 -12.72 18.07 4.58
N LEU A 121 -12.24 16.97 5.16
CA LEU A 121 -13.06 15.76 5.30
C LEU A 121 -14.30 15.93 6.13
N ARG A 122 -14.11 16.49 7.32
CA ARG A 122 -15.23 16.73 8.22
C ARG A 122 -16.18 17.76 7.66
N SER A 123 -15.65 18.70 6.90
CA SER A 123 -16.48 19.72 6.26
C SER A 123 -17.47 19.06 5.29
N GLY A 124 -17.40 17.75 5.13
CA GLY A 124 -18.30 17.08 4.20
C GLY A 124 -19.37 16.31 4.93
N GLY A 125 -19.39 16.50 6.24
CA GLY A 125 -20.37 15.84 7.07
C GLY A 125 -19.93 14.47 7.53
N LEU A 126 -18.64 14.18 7.36
CA LEU A 126 -18.09 12.89 7.77
C LEU A 126 -17.89 12.84 9.28
N HIS A 127 -18.45 11.81 9.91
CA HIS A 127 -18.41 11.67 11.36
C HIS A 127 -17.04 11.20 11.82
N ASP A 128 -16.64 11.64 13.01
CA ASP A 128 -15.23 11.67 13.39
C ASP A 128 -14.47 10.50 12.78
N GLU A 129 -15.08 9.33 12.80
CA GLU A 129 -14.37 8.08 12.55
C GLU A 129 -14.20 7.83 11.06
N LEU A 130 -15.20 8.24 10.28
CA LEU A 130 -15.10 8.20 8.83
C LEU A 130 -14.08 9.22 8.31
N ALA A 131 -14.13 10.43 8.87
CA ALA A 131 -13.20 11.49 8.47
C ALA A 131 -11.76 11.07 8.73
N ALA A 132 -11.50 10.54 9.91
CA ALA A 132 -10.17 10.14 10.30
C ALA A 132 -9.66 8.98 9.46
N TYR A 133 -10.46 7.92 9.35
CA TYR A 133 -10.05 6.78 8.56
C TYR A 133 -10.01 7.10 7.08
N GLY A 134 -11.01 7.83 6.60
CA GLY A 134 -11.04 8.18 5.20
C GLY A 134 -9.74 8.87 4.80
N GLY A 135 -9.22 9.70 5.69
CA GLY A 135 -7.97 10.41 5.42
C GLY A 135 -6.83 9.42 5.30
N ASP A 136 -6.84 8.44 6.17
CA ASP A 136 -5.80 7.41 6.17
C ASP A 136 -5.94 6.57 4.89
N LEU A 137 -7.14 6.09 4.61
CA LEU A 137 -7.39 5.29 3.42
C LEU A 137 -6.99 6.04 2.16
N LEU A 138 -7.33 7.32 2.11
CA LEU A 138 -7.05 8.12 0.92
C LEU A 138 -5.58 8.26 0.60
N SER A 139 -4.78 8.51 1.64
CA SER A 139 -3.36 8.75 1.49
C SER A 139 -2.56 7.47 1.32
N THR A 140 -3.13 6.38 1.80
CA THR A 140 -2.54 5.07 1.68
C THR A 140 -2.74 4.64 0.25
N PHE A 141 -3.90 4.97 -0.30
CA PHE A 141 -4.24 4.64 -1.69
C PHE A 141 -3.33 5.40 -2.65
N VAL A 142 -3.13 6.69 -2.39
CA VAL A 142 -2.28 7.52 -3.24
C VAL A 142 -0.84 7.05 -3.21
N THR A 143 -0.35 6.72 -2.01
CA THR A 143 1.01 6.26 -1.84
C THR A 143 1.24 4.93 -2.54
N ALA A 144 0.27 4.03 -2.41
CA ALA A 144 0.37 2.71 -3.04
C ALA A 144 0.36 2.85 -4.56
N GLU A 145 -0.49 3.72 -5.10
CA GLU A 145 -0.51 3.90 -6.54
C GLU A 145 0.84 4.44 -7.00
N ALA A 146 1.35 5.44 -6.29
CA ALA A 146 2.65 6.05 -6.61
C ALA A 146 3.71 4.95 -6.68
N LEU A 147 3.92 4.26 -5.56
CA LEU A 147 4.83 3.12 -5.51
C LEU A 147 4.64 2.30 -6.81
N GLU A 148 3.44 1.75 -7.02
CA GLU A 148 3.17 0.98 -8.23
C GLU A 148 3.70 1.64 -9.47
N GLN A 149 3.29 2.88 -9.71
CA GLN A 149 3.68 3.59 -10.92
C GLN A 149 5.17 3.67 -11.15
N SER A 150 5.92 3.77 -10.04
CA SER A 150 7.37 3.91 -10.11
C SER A 150 8.01 2.58 -10.46
N SER A 151 7.55 1.52 -9.81
CA SER A 151 7.99 0.17 -10.12
C SER A 151 8.07 0.03 -11.66
N ARG A 152 7.05 0.52 -12.37
CA ARG A 152 7.00 0.41 -13.82
C ARG A 152 7.48 1.68 -14.51
N VAL A 165 7.12 -4.04 -22.06
CA VAL A 165 7.14 -5.40 -22.58
C VAL A 165 6.38 -6.38 -21.68
N PHE A 166 6.61 -6.30 -20.38
CA PHE A 166 5.98 -7.18 -19.41
C PHE A 166 4.47 -7.20 -19.55
N ALA A 167 3.86 -6.02 -19.66
CA ALA A 167 2.41 -5.93 -19.81
C ALA A 167 1.96 -6.67 -21.07
N ASP A 168 2.75 -6.57 -22.14
CA ASP A 168 2.43 -7.25 -23.40
C ASP A 168 2.61 -8.76 -23.26
N GLN A 169 3.63 -9.15 -22.50
CA GLN A 169 3.86 -10.56 -22.22
C GLN A 169 2.64 -11.05 -21.39
N LEU A 170 2.33 -10.37 -20.28
CA LEU A 170 1.22 -10.77 -19.40
C LEU A 170 -0.10 -10.73 -20.14
N HIS A 171 -0.29 -9.70 -20.97
CA HIS A 171 -1.50 -9.58 -21.78
C HIS A 171 -1.56 -10.77 -22.75
N GLY A 172 -0.42 -11.08 -23.39
CA GLY A 172 -0.36 -12.20 -24.32
C GLY A 172 -0.73 -13.51 -23.62
N TYR A 173 -0.15 -13.75 -22.45
CA TYR A 173 -0.45 -14.97 -21.70
C TYR A 173 -1.92 -15.11 -21.35
N LEU A 174 -2.47 -14.07 -20.73
CA LEU A 174 -3.88 -14.08 -20.32
C LEU A 174 -4.81 -14.22 -21.53
N LYS A 175 -4.43 -13.59 -22.63
CA LYS A 175 -5.27 -13.55 -23.82
C LYS A 175 -5.26 -14.90 -24.54
N SER A 176 -4.16 -15.63 -24.40
CA SER A 176 -3.98 -16.89 -25.11
C SER A 176 -4.34 -18.07 -24.21
N LEU A 177 -5.02 -17.79 -23.11
CA LEU A 177 -5.51 -18.83 -22.22
C LEU A 177 -6.69 -19.57 -22.83
N PRO A 178 -6.85 -20.84 -22.45
CA PRO A 178 -8.08 -21.58 -22.78
C PRO A 178 -9.33 -20.82 -22.35
N ALA A 179 -10.00 -20.20 -23.31
CA ALA A 179 -11.16 -19.36 -23.01
C ALA A 179 -12.25 -20.16 -22.31
N THR A 180 -12.19 -21.48 -22.43
CA THR A 180 -13.18 -22.35 -21.81
C THR A 180 -12.85 -22.53 -20.33
N SER A 181 -11.57 -22.37 -19.99
CA SER A 181 -11.09 -22.53 -18.63
C SER A 181 -11.11 -21.19 -17.88
N PHE A 182 -10.56 -20.15 -18.51
CA PHE A 182 -10.49 -18.82 -17.92
C PHE A 182 -11.20 -17.80 -18.79
N PRO A 183 -12.54 -17.81 -18.76
CA PRO A 183 -13.28 -16.87 -19.58
C PRO A 183 -13.04 -15.43 -19.12
N ASN A 184 -13.21 -15.20 -17.81
CA ASN A 184 -13.00 -13.85 -17.26
C ASN A 184 -11.58 -13.33 -17.46
N LEU A 185 -10.56 -14.15 -17.24
CA LEU A 185 -9.21 -13.64 -17.43
C LEU A 185 -8.92 -13.38 -18.89
N VAL A 186 -9.64 -14.04 -19.79
CA VAL A 186 -9.39 -13.81 -21.20
C VAL A 186 -10.15 -12.59 -21.64
N HIS A 187 -11.37 -12.45 -21.16
CA HIS A 187 -12.19 -11.30 -21.49
C HIS A 187 -11.61 -10.01 -20.90
N LEU A 188 -11.08 -10.09 -19.68
CA LEU A 188 -10.54 -8.91 -19.00
C LEU A 188 -9.02 -8.84 -19.16
N ALA A 189 -8.52 -9.45 -20.22
CA ALA A 189 -7.08 -9.51 -20.43
C ALA A 189 -6.37 -8.18 -20.42
N GLY A 190 -6.93 -7.22 -21.16
CA GLY A 190 -6.34 -5.90 -21.27
C GLY A 190 -6.44 -5.10 -19.98
N PRO A 191 -7.67 -4.87 -19.52
CA PRO A 191 -7.92 -4.12 -18.31
C PRO A 191 -7.01 -4.56 -17.17
N ILE A 192 -6.85 -5.87 -17.01
CA ILE A 192 -6.03 -6.39 -15.95
C ILE A 192 -4.56 -6.10 -16.19
N THR A 193 -4.11 -6.38 -17.41
CA THR A 193 -2.69 -6.22 -17.75
C THR A 193 -2.23 -4.77 -17.54
N SER A 194 -2.84 -3.85 -18.26
CA SER A 194 -2.46 -2.46 -18.09
C SER A 194 -3.55 -1.43 -18.28
N LEU A 195 -3.72 -0.62 -17.26
CA LEU A 195 -4.70 0.46 -17.27
C LEU A 195 -3.80 1.63 -16.92
N ASP A 196 -3.55 2.53 -17.86
CA ASP A 196 -2.66 3.62 -17.54
C ASP A 196 -2.74 3.98 -16.04
N SER A 197 -1.67 4.56 -15.52
CA SER A 197 -1.63 4.99 -14.13
C SER A 197 -2.71 6.04 -13.86
N ASP A 198 -2.99 6.87 -14.86
CA ASP A 198 -4.01 7.91 -14.73
C ASP A 198 -5.40 7.31 -14.59
N ARG A 199 -5.71 6.32 -15.43
CA ARG A 199 -7.02 5.68 -15.41
C ARG A 199 -7.25 4.94 -14.10
N ARG A 200 -6.23 4.22 -13.65
CA ARG A 200 -6.31 3.48 -12.39
C ARG A 200 -6.59 4.48 -11.25
N PHE A 201 -5.74 5.50 -11.18
CA PHE A 201 -5.84 6.52 -10.14
C PHE A 201 -7.21 7.13 -10.02
N GLU A 202 -7.79 7.60 -11.13
CA GLU A 202 -9.11 8.21 -11.04
C GLU A 202 -10.18 7.23 -10.63
N LEU A 203 -10.16 6.02 -11.20
CA LEU A 203 -11.14 4.99 -10.83
C LEU A 203 -11.08 4.81 -9.32
N GLY A 204 -9.87 4.58 -8.82
CA GLY A 204 -9.66 4.38 -7.40
C GLY A 204 -10.15 5.55 -6.58
N LEU A 205 -9.99 6.76 -7.10
CA LEU A 205 -10.43 7.95 -6.39
C LEU A 205 -11.93 8.00 -6.30
N GLU A 206 -12.59 7.81 -7.43
CA GLU A 206 -14.03 7.88 -7.44
C GLU A 206 -14.67 6.79 -6.59
N ILE A 207 -14.05 5.61 -6.54
CA ILE A 207 -14.61 4.54 -5.73
C ILE A 207 -14.57 4.97 -4.27
N ILE A 208 -13.38 5.31 -3.79
CA ILE A 208 -13.22 5.72 -2.40
C ILE A 208 -14.04 6.95 -1.99
N ILE A 209 -14.09 7.96 -2.83
CA ILE A 209 -14.87 9.15 -2.51
C ILE A 209 -16.38 8.84 -2.48
N ALA A 210 -16.84 8.00 -3.41
CA ALA A 210 -18.25 7.63 -3.47
C ALA A 210 -18.62 6.88 -2.18
N GLY A 211 -17.71 6.00 -1.74
CA GLY A 211 -17.95 5.23 -0.53
C GLY A 211 -17.95 6.08 0.71
N LEU A 212 -17.09 7.10 0.75
CA LEU A 212 -17.05 7.98 1.91
C LEU A 212 -18.37 8.71 1.99
N LEU A 213 -18.87 9.12 0.82
CA LEU A 213 -20.16 9.81 0.71
C LEU A 213 -21.30 8.89 1.14
N ALA A 214 -21.26 7.63 0.70
CA ALA A 214 -22.28 6.68 1.12
C ALA A 214 -22.27 6.51 2.63
N GLY A 215 -21.08 6.36 3.22
CA GLY A 215 -21.01 6.19 4.66
C GLY A 215 -21.44 7.41 5.45
N ALA A 216 -21.30 8.60 4.87
CA ALA A 216 -21.68 9.83 5.56
C ALA A 216 -23.19 9.97 5.61
N ALA B 4 15.54 -38.80 0.30
CA ALA B 4 15.08 -38.20 -0.94
C ALA B 4 13.58 -37.93 -0.90
N PRO B 5 13.05 -37.34 -1.96
CA PRO B 5 13.86 -36.50 -2.86
C PRO B 5 13.32 -35.07 -2.92
N LEU B 6 14.18 -34.12 -3.28
CA LEU B 6 13.78 -32.72 -3.40
C LEU B 6 12.70 -32.55 -4.46
N THR B 7 11.55 -32.01 -4.05
CA THR B 7 10.62 -31.41 -4.98
C THR B 7 10.47 -29.91 -4.71
N GLN B 8 9.93 -29.20 -5.69
CA GLN B 8 9.63 -27.77 -5.53
C GLN B 8 8.60 -27.63 -4.39
N ASP B 9 7.49 -28.36 -4.46
CA ASP B 9 6.45 -28.28 -3.44
C ASP B 9 6.97 -28.63 -2.06
N ARG B 10 7.93 -29.53 -2.00
CA ARG B 10 8.52 -29.94 -0.73
C ARG B 10 9.43 -28.81 -0.19
N ILE B 11 10.11 -28.12 -1.09
CA ILE B 11 10.97 -27.02 -0.71
C ILE B 11 10.13 -25.86 -0.22
N VAL B 12 9.00 -25.65 -0.90
CA VAL B 12 8.14 -24.54 -0.57
C VAL B 12 7.44 -24.70 0.75
N VAL B 13 7.01 -25.92 1.05
CA VAL B 13 6.34 -26.21 2.31
C VAL B 13 7.33 -26.02 3.45
N THR B 14 8.58 -26.40 3.21
CA THR B 14 9.63 -26.25 4.19
C THR B 14 9.89 -24.77 4.47
N ALA B 15 10.01 -23.97 3.42
CA ALA B 15 10.28 -22.55 3.56
C ALA B 15 9.11 -21.84 4.25
N LEU B 16 7.90 -22.30 3.97
CA LEU B 16 6.71 -21.77 4.62
C LEU B 16 6.74 -22.21 6.09
N GLY B 17 7.08 -23.47 6.33
CA GLY B 17 7.15 -23.97 7.68
C GLY B 17 8.02 -23.13 8.58
N ILE B 18 9.17 -22.70 8.07
CA ILE B 18 10.11 -21.92 8.85
C ILE B 18 9.76 -20.44 8.90
N LEU B 19 8.90 -20.02 7.98
CA LEU B 19 8.45 -18.64 7.94
C LEU B 19 7.40 -18.48 9.02
N ASP B 20 6.51 -19.46 9.12
CA ASP B 20 5.46 -19.44 10.13
C ASP B 20 6.06 -19.45 11.53
N ALA B 21 7.22 -20.07 11.68
CA ALA B 21 7.78 -20.36 12.99
C ALA B 21 8.70 -19.24 13.46
N GLU B 22 9.41 -18.62 12.52
CA GLU B 22 10.59 -17.84 12.85
C GLU B 22 10.67 -16.58 11.98
N GLY B 23 9.73 -16.45 11.07
CA GLY B 23 9.52 -15.19 10.36
C GLY B 23 10.48 -15.02 9.19
N LEU B 24 10.34 -13.91 8.48
CA LEU B 24 10.92 -13.78 7.15
C LEU B 24 12.44 -13.77 7.20
N ASP B 25 13.01 -12.79 7.90
CA ASP B 25 14.44 -12.60 7.93
C ASP B 25 15.25 -13.82 8.29
N ALA B 26 14.55 -14.84 8.80
CA ALA B 26 15.18 -16.09 9.16
C ALA B 26 15.11 -17.04 7.96
N LEU B 27 14.45 -16.61 6.90
CA LEU B 27 14.40 -17.36 5.65
C LEU B 27 15.52 -16.93 4.71
N SER B 28 16.70 -17.50 4.90
CA SER B 28 17.76 -17.42 3.89
C SER B 28 17.82 -18.69 3.05
N MET B 29 18.41 -18.58 1.86
CA MET B 29 18.62 -19.74 1.01
C MET B 29 19.55 -20.76 1.67
N ARG B 30 20.48 -20.26 2.48
CA ARG B 30 21.42 -21.12 3.18
C ARG B 30 20.71 -21.96 4.25
N ARG B 31 19.92 -21.29 5.09
CA ARG B 31 19.09 -21.98 6.08
C ARG B 31 18.19 -23.02 5.41
N LEU B 32 17.49 -22.59 4.36
CA LEU B 32 16.60 -23.48 3.62
C LEU B 32 17.37 -24.70 3.14
N ALA B 33 18.45 -24.47 2.40
CA ALA B 33 19.27 -25.56 1.90
C ALA B 33 19.67 -26.47 3.05
N GLN B 34 19.96 -25.87 4.19
CA GLN B 34 20.37 -26.62 5.37
C GLN B 34 19.26 -27.54 5.84
N GLU B 35 18.05 -26.99 5.97
CA GLU B 35 16.89 -27.76 6.40
C GLU B 35 16.55 -28.93 5.49
N LEU B 36 16.58 -28.67 4.19
CA LEU B 36 16.27 -29.68 3.19
C LEU B 36 17.40 -30.71 3.12
N LYS B 37 18.54 -30.33 3.71
CA LYS B 37 19.73 -31.18 3.76
C LYS B 37 20.14 -31.49 2.35
N THR B 38 20.26 -30.44 1.57
CA THR B 38 20.56 -30.61 0.18
C THR B 38 21.57 -29.55 -0.19
N GLY B 39 22.01 -29.59 -1.43
CA GLY B 39 22.96 -28.61 -1.89
C GLY B 39 22.26 -27.43 -2.55
N HIS B 40 22.89 -26.28 -2.44
CA HIS B 40 22.42 -25.06 -3.05
C HIS B 40 21.98 -25.31 -4.49
N ALA B 41 22.84 -25.97 -5.26
CA ALA B 41 22.59 -26.23 -6.66
C ALA B 41 21.18 -26.72 -6.91
N SER B 42 20.83 -27.83 -6.28
CA SER B 42 19.51 -28.41 -6.44
C SER B 42 18.41 -27.45 -6.01
N LEU B 43 18.71 -26.65 -5.00
CA LEU B 43 17.74 -25.70 -4.48
C LEU B 43 17.41 -24.66 -5.53
N TYR B 44 18.45 -24.01 -6.06
CA TYR B 44 18.28 -23.00 -7.10
C TYR B 44 17.52 -23.56 -8.30
N ALA B 45 17.97 -24.72 -8.78
CA ALA B 45 17.40 -25.33 -9.97
C ALA B 45 15.87 -25.43 -9.87
N HIS B 46 15.38 -25.50 -8.63
CA HIS B 46 13.98 -25.80 -8.40
C HIS B 46 13.16 -24.53 -8.18
N VAL B 47 13.70 -23.62 -7.38
CA VAL B 47 12.95 -22.47 -6.90
C VAL B 47 13.64 -21.16 -7.26
N GLY B 48 14.83 -21.27 -7.85
CA GLY B 48 15.61 -20.11 -8.21
C GLY B 48 16.25 -19.44 -7.00
N ASN B 49 16.18 -18.12 -6.95
CA ASN B 49 16.64 -17.37 -5.80
C ASN B 49 15.51 -17.00 -4.84
N ARG B 50 15.78 -16.08 -3.92
CA ARG B 50 14.95 -15.92 -2.75
C ARG B 50 13.64 -15.19 -3.08
N ASP B 51 13.76 -14.09 -3.81
CA ASP B 51 12.60 -13.47 -4.45
C ASP B 51 11.72 -14.51 -5.14
N GLU B 52 12.34 -15.32 -5.98
CA GLU B 52 11.61 -16.37 -6.70
C GLU B 52 10.95 -17.34 -5.73
N LEU B 53 11.70 -17.77 -4.72
CA LEU B 53 11.17 -18.66 -3.70
C LEU B 53 9.95 -18.06 -3.01
N LEU B 54 10.05 -16.78 -2.65
CA LEU B 54 8.96 -16.08 -1.98
C LEU B 54 7.72 -16.14 -2.86
N ASP B 55 7.88 -15.75 -4.11
CA ASP B 55 6.80 -15.84 -5.08
C ASP B 55 6.04 -17.19 -4.88
N LEU B 56 6.76 -18.31 -4.99
CA LEU B 56 6.13 -19.62 -4.86
C LEU B 56 5.46 -19.82 -3.52
N VAL B 57 6.07 -19.28 -2.47
CA VAL B 57 5.53 -19.42 -1.13
C VAL B 57 4.24 -18.63 -1.07
N PHE B 58 4.23 -17.46 -1.69
CA PHE B 58 3.05 -16.62 -1.71
C PHE B 58 1.88 -17.36 -2.38
N ASP B 59 2.14 -17.96 -3.53
CA ASP B 59 1.11 -18.65 -4.27
C ASP B 59 0.56 -19.86 -3.53
N ILE B 60 1.44 -20.56 -2.81
CA ILE B 60 1.07 -21.79 -2.13
C ILE B 60 0.05 -21.60 -1.03
N VAL B 61 0.11 -20.44 -0.37
CA VAL B 61 -0.83 -20.15 0.70
C VAL B 61 -2.14 -19.57 0.17
N LEU B 62 -2.18 -19.20 -1.11
CA LEU B 62 -3.38 -18.61 -1.66
C LEU B 62 -4.58 -19.56 -1.67
N THR B 63 -4.32 -20.85 -1.52
CA THR B 63 -5.41 -21.80 -1.50
C THR B 63 -6.22 -21.63 -0.23
N GLU B 64 -5.69 -20.87 0.70
CA GLU B 64 -6.39 -20.61 1.95
C GLU B 64 -7.50 -19.61 1.77
N VAL B 65 -7.45 -18.90 0.65
CA VAL B 65 -8.47 -17.89 0.38
C VAL B 65 -9.64 -18.51 -0.36
N GLU B 66 -10.83 -18.35 0.22
CA GLU B 66 -12.03 -18.88 -0.40
C GLU B 66 -12.84 -17.82 -1.13
N VAL B 67 -13.10 -18.06 -2.41
CA VAL B 67 -13.94 -17.18 -3.19
C VAL B 67 -15.28 -17.82 -3.51
N PRO B 68 -16.31 -17.47 -2.76
CA PRO B 68 -17.66 -17.98 -2.99
C PRO B 68 -18.05 -17.86 -4.46
N GLU B 69 -18.86 -18.81 -4.94
CA GLU B 69 -19.66 -18.61 -6.14
C GLU B 69 -20.79 -17.61 -5.88
N PRO B 70 -20.99 -16.70 -6.82
CA PRO B 70 -21.88 -15.55 -6.60
C PRO B 70 -23.31 -15.99 -6.29
N GLU B 71 -23.82 -15.59 -5.14
CA GLU B 71 -25.26 -15.63 -4.88
C GLU B 71 -25.89 -14.24 -5.07
N PRO B 72 -26.81 -14.14 -6.03
CA PRO B 72 -27.65 -12.95 -6.16
C PRO B 72 -28.21 -12.51 -4.81
N GLY B 73 -28.35 -11.20 -4.62
CA GLY B 73 -28.87 -10.66 -3.38
C GLY B 73 -27.78 -10.41 -2.35
N ARG B 74 -26.58 -10.86 -2.66
CA ARG B 74 -25.59 -11.19 -1.63
C ARG B 74 -24.21 -10.71 -2.02
N TRP B 75 -24.13 -9.90 -3.06
CA TRP B 75 -22.85 -9.47 -3.62
C TRP B 75 -21.99 -8.76 -2.58
N ALA B 76 -22.50 -7.64 -2.07
CA ALA B 76 -21.84 -6.92 -1.00
C ALA B 76 -21.23 -7.89 0.02
N GLU B 77 -22.07 -8.76 0.57
CA GLU B 77 -21.65 -9.65 1.64
C GLU B 77 -20.66 -10.71 1.21
N GLN B 78 -20.79 -11.15 -0.04
CA GLN B 78 -19.91 -12.17 -0.58
C GLN B 78 -18.51 -11.61 -0.86
N VAL B 79 -18.46 -10.39 -1.37
CA VAL B 79 -17.17 -9.76 -1.63
C VAL B 79 -16.47 -9.56 -0.28
N LYS B 80 -17.23 -9.24 0.76
CA LYS B 80 -16.62 -9.06 2.07
C LYS B 80 -16.09 -10.37 2.62
N GLU B 81 -16.78 -11.47 2.30
CA GLU B 81 -16.35 -12.79 2.75
C GLU B 81 -14.97 -13.03 2.16
N MET B 82 -14.87 -12.91 0.85
CA MET B 82 -13.61 -13.09 0.13
C MET B 82 -12.49 -12.27 0.79
N CYS B 83 -12.77 -11.00 1.03
CA CYS B 83 -11.77 -10.13 1.62
C CYS B 83 -11.37 -10.56 3.02
N ARG B 84 -12.33 -10.97 3.83
CA ARG B 84 -12.01 -11.41 5.18
C ARG B 84 -11.17 -12.69 5.12
N SER B 85 -11.44 -13.52 4.11
CA SER B 85 -10.71 -14.76 3.93
C SER B 85 -9.26 -14.45 3.63
N LEU B 86 -9.04 -13.47 2.77
CA LEU B 86 -7.69 -13.08 2.39
C LEU B 86 -6.93 -12.58 3.61
N ARG B 87 -7.63 -11.82 4.45
CA ARG B 87 -7.03 -11.26 5.65
C ARG B 87 -6.70 -12.34 6.67
N ARG B 88 -7.59 -13.32 6.79
CA ARG B 88 -7.34 -14.50 7.61
C ARG B 88 -6.00 -15.14 7.23
N MET B 89 -5.79 -15.35 5.94
CA MET B 89 -4.55 -15.91 5.45
C MET B 89 -3.35 -15.11 5.95
N PHE B 90 -3.43 -13.79 5.80
CA PHE B 90 -2.32 -12.91 6.18
C PHE B 90 -2.03 -13.02 7.68
N LEU B 91 -3.09 -13.14 8.47
CA LEU B 91 -2.95 -13.16 9.92
C LEU B 91 -2.39 -14.49 10.41
N ALA B 92 -2.65 -15.55 9.66
CA ALA B 92 -2.21 -16.88 10.03
C ALA B 92 -0.79 -17.14 9.61
N HIS B 93 -0.21 -16.20 8.88
CA HIS B 93 1.15 -16.36 8.35
C HIS B 93 2.01 -15.15 8.66
N ARG B 94 3.01 -15.34 9.51
CA ARG B 94 3.97 -14.29 9.81
C ARG B 94 4.54 -13.67 8.53
N ASP B 95 4.55 -12.34 8.48
CA ASP B 95 5.40 -11.62 7.54
C ASP B 95 4.91 -11.80 6.11
N LEU B 96 3.80 -12.52 5.95
CA LEU B 96 3.30 -12.88 4.63
C LEU B 96 2.86 -11.63 3.87
N ALA B 97 2.12 -10.76 4.53
CA ALA B 97 1.67 -9.51 3.92
C ALA B 97 2.89 -8.74 3.41
N ARG B 98 4.02 -8.90 4.10
CA ARG B 98 5.26 -8.27 3.67
C ARG B 98 5.78 -8.89 2.38
N ILE B 99 5.64 -10.20 2.26
CA ILE B 99 6.01 -10.91 1.03
C ILE B 99 5.16 -10.43 -0.14
N ALA B 100 3.87 -10.20 0.11
CA ALA B 100 2.87 -10.20 -0.94
C ALA B 100 2.72 -8.81 -1.55
N ILE B 101 2.92 -7.78 -0.73
CA ILE B 101 2.52 -6.43 -1.10
C ILE B 101 3.41 -5.85 -2.18
N ASP B 102 4.20 -6.72 -2.81
CA ASP B 102 5.27 -6.27 -3.69
C ASP B 102 5.30 -7.08 -4.97
N ARG B 103 4.63 -8.23 -4.97
CA ARG B 103 5.00 -9.34 -5.84
C ARG B 103 3.79 -9.86 -6.60
N VAL B 104 3.95 -11.04 -7.20
CA VAL B 104 3.07 -11.47 -8.29
C VAL B 104 2.16 -12.60 -7.85
N PRO B 105 0.85 -12.34 -7.84
CA PRO B 105 -0.15 -13.40 -7.87
C PRO B 105 -0.23 -14.06 -9.23
N LEU B 106 0.85 -13.99 -10.00
CA LEU B 106 0.90 -14.61 -11.32
C LEU B 106 1.34 -16.07 -11.23
N GLY B 107 0.52 -16.89 -10.60
CA GLY B 107 0.80 -18.30 -10.45
C GLY B 107 -0.45 -19.14 -10.27
N PRO B 108 -0.37 -20.40 -10.70
CA PRO B 108 -1.57 -21.23 -10.81
C PRO B 108 -2.65 -20.84 -9.80
N ASN B 109 -2.30 -20.88 -8.52
CA ASN B 109 -3.25 -20.59 -7.46
C ASN B 109 -3.77 -19.17 -7.53
N GLY B 110 -2.88 -18.23 -7.80
CA GLY B 110 -3.28 -16.86 -7.97
C GLY B 110 -4.06 -16.66 -9.26
N MET B 111 -3.69 -17.40 -10.31
CA MET B 111 -4.34 -17.28 -11.61
C MET B 111 -5.80 -17.70 -11.58
N VAL B 112 -6.09 -18.79 -10.87
CA VAL B 112 -7.45 -19.30 -10.78
C VAL B 112 -8.23 -18.54 -9.73
N GLY B 113 -7.51 -18.03 -8.75
CA GLY B 113 -8.13 -17.19 -7.73
C GLY B 113 -8.56 -15.88 -8.39
N MET B 114 -7.80 -15.42 -9.39
CA MET B 114 -8.13 -14.19 -10.12
C MET B 114 -9.42 -14.40 -10.88
N GLU B 115 -9.44 -15.49 -11.66
CA GLU B 115 -10.59 -15.89 -12.47
C GLU B 115 -11.83 -15.93 -11.59
N ARG B 116 -11.73 -16.58 -10.45
CA ARG B 116 -12.86 -16.65 -9.54
C ARG B 116 -13.22 -15.27 -9.00
N THR B 117 -12.21 -14.46 -8.68
CA THR B 117 -12.43 -13.13 -8.18
C THR B 117 -13.11 -12.26 -9.23
N MET B 118 -12.61 -12.34 -10.46
CA MET B 118 -13.17 -11.56 -11.55
C MET B 118 -14.62 -11.97 -11.84
N ASN B 119 -14.89 -13.26 -11.72
CA ASN B 119 -16.24 -13.78 -11.94
C ASN B 119 -17.21 -13.18 -10.94
N LEU B 120 -16.85 -13.19 -9.67
CA LEU B 120 -17.72 -12.64 -8.62
C LEU B 120 -17.91 -11.14 -8.78
N LEU B 121 -16.87 -10.42 -9.20
CA LEU B 121 -16.99 -8.98 -9.36
C LEU B 121 -17.87 -8.56 -10.52
N ARG B 122 -17.65 -9.19 -11.67
CA ARG B 122 -18.44 -8.88 -12.86
C ARG B 122 -19.90 -9.23 -12.66
N SER B 123 -20.14 -10.28 -11.87
CA SER B 123 -21.50 -10.72 -11.60
C SER B 123 -22.30 -9.64 -10.88
N GLY B 124 -21.61 -8.74 -10.21
CA GLY B 124 -22.25 -7.69 -9.44
C GLY B 124 -22.76 -6.56 -10.31
N GLY B 125 -22.50 -6.65 -11.61
CA GLY B 125 -22.89 -5.62 -12.55
C GLY B 125 -21.85 -4.53 -12.70
N LEU B 126 -20.75 -4.67 -11.97
CA LEU B 126 -19.51 -3.98 -12.31
C LEU B 126 -19.12 -4.23 -13.75
N HIS B 127 -18.53 -3.22 -14.39
CA HIS B 127 -17.99 -3.38 -15.74
C HIS B 127 -16.47 -3.48 -15.73
N ASP B 128 -15.89 -3.84 -16.86
CA ASP B 128 -14.57 -4.45 -16.90
C ASP B 128 -13.56 -3.61 -16.11
N GLU B 129 -13.22 -2.45 -16.65
CA GLU B 129 -12.34 -1.51 -15.95
C GLU B 129 -12.64 -1.50 -14.45
N LEU B 130 -13.92 -1.42 -14.11
CA LEU B 130 -14.34 -1.37 -12.71
C LEU B 130 -14.10 -2.70 -12.01
N ALA B 131 -14.40 -3.80 -12.70
CA ALA B 131 -14.17 -5.13 -12.16
C ALA B 131 -12.67 -5.41 -12.07
N ALA B 132 -11.96 -5.21 -13.18
CA ALA B 132 -10.53 -5.42 -13.22
C ALA B 132 -9.82 -4.64 -12.11
N TYR B 133 -10.13 -3.34 -12.01
CA TYR B 133 -9.50 -2.49 -11.01
C TYR B 133 -9.98 -2.75 -9.57
N GLY B 134 -11.29 -2.93 -9.42
CA GLY B 134 -11.87 -3.19 -8.10
C GLY B 134 -11.16 -4.34 -7.41
N GLY B 135 -10.90 -5.41 -8.17
CA GLY B 135 -10.20 -6.57 -7.65
C GLY B 135 -8.80 -6.15 -7.21
N ASP B 136 -8.16 -5.30 -8.00
CA ASP B 136 -6.86 -4.77 -7.66
C ASP B 136 -6.99 -3.95 -6.37
N LEU B 137 -7.96 -3.04 -6.32
CA LEU B 137 -8.15 -2.18 -5.16
C LEU B 137 -8.36 -2.97 -3.88
N LEU B 138 -9.27 -3.95 -3.93
CA LEU B 138 -9.58 -4.76 -2.74
C LEU B 138 -8.37 -5.51 -2.26
N SER B 139 -7.67 -6.12 -3.19
CA SER B 139 -6.46 -6.87 -2.85
C SER B 139 -5.44 -5.94 -2.17
N THR B 140 -5.24 -4.76 -2.76
CA THR B 140 -4.30 -3.79 -2.22
C THR B 140 -4.73 -3.36 -0.84
N PHE B 141 -6.01 -3.10 -0.69
CA PHE B 141 -6.54 -2.70 0.59
C PHE B 141 -6.29 -3.74 1.67
N VAL B 142 -6.66 -4.98 1.39
CA VAL B 142 -6.50 -6.02 2.39
C VAL B 142 -5.07 -6.23 2.76
N THR B 143 -4.20 -6.23 1.77
CA THR B 143 -2.79 -6.45 2.01
C THR B 143 -2.19 -5.34 2.84
N ALA B 144 -2.60 -4.10 2.58
CA ALA B 144 -2.06 -2.99 3.32
C ALA B 144 -2.54 -3.00 4.75
N GLU B 145 -3.84 -3.20 4.93
CA GLU B 145 -4.38 -3.26 6.29
C GLU B 145 -3.68 -4.37 7.07
N ALA B 146 -3.39 -5.49 6.41
CA ALA B 146 -2.76 -6.60 7.11
C ALA B 146 -1.31 -6.32 7.47
N LEU B 147 -0.66 -5.49 6.67
CA LEU B 147 0.74 -5.13 6.92
C LEU B 147 0.82 -4.21 8.14
N GLU B 148 -0.15 -3.34 8.29
CA GLU B 148 -0.20 -2.43 9.44
C GLU B 148 -0.52 -3.23 10.72
N GLN B 149 -1.38 -4.22 10.61
CA GLN B 149 -1.77 -5.03 11.76
C GLN B 149 -0.58 -5.74 12.37
N SER B 150 0.03 -6.65 11.61
CA SER B 150 1.19 -7.39 12.08
C SER B 150 2.30 -6.42 12.50
N SER B 151 2.28 -5.23 11.91
CA SER B 151 3.22 -4.19 12.29
C SER B 151 3.07 -3.94 13.81
N ARG B 152 1.86 -4.13 14.34
CA ARG B 152 1.61 -3.91 15.76
C ARG B 152 0.71 -4.98 16.37
N GLY B 164 1.04 -0.49 19.59
CA GLY B 164 1.67 -0.63 20.89
C GLY B 164 1.54 0.63 21.72
N VAL B 165 2.67 1.25 22.02
CA VAL B 165 2.69 2.50 22.80
C VAL B 165 2.94 3.70 21.90
N PHE B 166 3.61 3.47 20.77
CA PHE B 166 3.63 4.44 19.68
C PHE B 166 2.27 5.12 19.52
N ALA B 167 1.26 4.33 19.16
CA ALA B 167 -0.12 4.78 19.24
C ALA B 167 -0.33 5.71 20.43
N ASP B 168 0.17 5.32 21.59
CA ASP B 168 -0.12 6.02 22.83
C ASP B 168 0.70 7.30 22.95
N GLN B 169 1.97 7.22 22.56
CA GLN B 169 2.85 8.39 22.55
C GLN B 169 2.38 9.34 21.44
N LEU B 170 1.99 8.77 20.30
CA LEU B 170 1.50 9.58 19.18
C LEU B 170 0.10 10.12 19.53
N HIS B 171 -0.78 9.25 20.02
CA HIS B 171 -2.13 9.65 20.39
C HIS B 171 -2.10 10.85 21.34
N GLY B 172 -1.20 10.79 22.32
CA GLY B 172 -1.07 11.88 23.29
C GLY B 172 -0.42 13.11 22.66
N TYR B 173 0.57 12.87 21.81
CA TYR B 173 1.24 13.96 21.11
C TYR B 173 0.20 14.86 20.43
N LEU B 174 -0.76 14.25 19.74
CA LEU B 174 -1.79 15.00 19.05
C LEU B 174 -2.76 15.71 19.99
N LYS B 175 -3.11 15.05 21.08
CA LYS B 175 -4.04 15.62 22.05
C LYS B 175 -3.50 16.91 22.65
N SER B 176 -2.17 17.05 22.65
CA SER B 176 -1.52 18.16 23.33
C SER B 176 -1.48 19.40 22.44
N LEU B 177 -1.76 19.21 21.16
CA LEU B 177 -1.64 20.29 20.19
C LEU B 177 -2.40 21.53 20.64
N PRO B 178 -1.88 22.70 20.25
CA PRO B 178 -2.62 23.96 20.43
C PRO B 178 -3.99 23.90 19.77
N ALA B 179 -5.02 23.56 20.54
CA ALA B 179 -6.33 23.29 19.99
C ALA B 179 -6.84 24.46 19.16
N THR B 180 -6.16 25.59 19.26
CA THR B 180 -6.58 26.80 18.56
C THR B 180 -6.02 26.85 17.14
N SER B 181 -4.92 26.12 16.92
CA SER B 181 -4.31 26.05 15.61
C SER B 181 -4.58 24.69 14.98
N PHE B 182 -4.58 23.63 15.80
CA PHE B 182 -4.83 22.27 15.32
C PHE B 182 -6.08 21.73 15.95
N PRO B 183 -7.22 22.34 15.61
CA PRO B 183 -8.51 21.93 16.16
C PRO B 183 -8.93 20.52 15.79
N ASN B 184 -8.94 20.23 14.49
CA ASN B 184 -9.34 18.89 14.04
C ASN B 184 -8.45 17.79 14.60
N LEU B 185 -7.13 18.01 14.58
CA LEU B 185 -6.19 17.01 15.08
C LEU B 185 -6.44 16.64 16.52
N VAL B 186 -6.61 17.64 17.39
CA VAL B 186 -6.86 17.34 18.79
C VAL B 186 -8.17 16.60 18.96
N HIS B 187 -9.19 17.06 18.26
CA HIS B 187 -10.49 16.42 18.37
C HIS B 187 -10.55 15.03 17.74
N LEU B 188 -9.62 14.73 16.83
CA LEU B 188 -9.61 13.42 16.18
C LEU B 188 -8.40 12.61 16.59
N ALA B 189 -7.71 13.06 17.62
CA ALA B 189 -6.50 12.37 18.07
C ALA B 189 -6.68 10.87 18.31
N GLY B 190 -7.80 10.50 18.93
CA GLY B 190 -8.09 9.10 19.23
C GLY B 190 -8.12 8.25 17.98
N PRO B 191 -9.15 8.46 17.15
CA PRO B 191 -9.36 7.64 15.96
C PRO B 191 -8.11 7.58 15.08
N ILE B 192 -7.49 8.73 14.84
CA ILE B 192 -6.29 8.80 14.02
C ILE B 192 -5.27 7.74 14.45
N THR B 193 -5.10 7.58 15.75
CA THR B 193 -3.95 6.87 16.29
C THR B 193 -4.30 5.41 16.61
N SER B 194 -5.39 5.23 17.35
CA SER B 194 -5.67 3.94 17.98
C SER B 194 -7.06 3.44 17.59
N LEU B 195 -7.24 3.19 16.30
CA LEU B 195 -8.45 2.52 15.81
C LEU B 195 -8.29 1.00 15.86
N ASP B 196 -9.26 0.33 16.46
CA ASP B 196 -9.35 -1.12 16.39
C ASP B 196 -9.01 -1.62 14.99
N SER B 197 -8.13 -2.62 14.93
CA SER B 197 -7.72 -3.20 13.65
C SER B 197 -8.92 -3.73 12.91
N ASP B 198 -9.71 -4.55 13.59
CA ASP B 198 -10.90 -5.11 12.98
C ASP B 198 -11.82 -3.99 12.51
N ARG B 199 -11.86 -2.90 13.28
CA ARG B 199 -12.73 -1.78 12.94
C ARG B 199 -12.24 -1.06 11.69
N ARG B 200 -10.93 -0.92 11.55
CA ARG B 200 -10.38 -0.28 10.36
C ARG B 200 -10.67 -1.16 9.15
N PHE B 201 -10.42 -2.46 9.27
CA PHE B 201 -10.68 -3.32 8.14
C PHE B 201 -12.10 -3.15 7.65
N GLU B 202 -13.06 -3.41 8.54
CA GLU B 202 -14.48 -3.35 8.18
C GLU B 202 -14.90 -1.98 7.67
N LEU B 203 -14.29 -0.95 8.23
CA LEU B 203 -14.59 0.42 7.81
C LEU B 203 -14.12 0.61 6.37
N GLY B 204 -12.89 0.21 6.07
CA GLY B 204 -12.35 0.34 4.72
C GLY B 204 -13.09 -0.55 3.74
N LEU B 205 -13.48 -1.74 4.19
CA LEU B 205 -14.18 -2.69 3.36
C LEU B 205 -15.50 -2.11 2.85
N GLU B 206 -16.25 -1.51 3.76
CA GLU B 206 -17.54 -0.92 3.40
C GLU B 206 -17.33 0.22 2.44
N ILE B 207 -16.33 1.07 2.73
CA ILE B 207 -16.07 2.22 1.87
C ILE B 207 -15.81 1.81 0.44
N ILE B 208 -14.90 0.88 0.23
CA ILE B 208 -14.60 0.44 -1.11
C ILE B 208 -15.81 -0.23 -1.77
N ILE B 209 -16.45 -1.14 -1.04
CA ILE B 209 -17.62 -1.83 -1.62
C ILE B 209 -18.74 -0.88 -2.07
N ALA B 210 -19.03 0.11 -1.23
CA ALA B 210 -20.09 1.07 -1.55
C ALA B 210 -19.68 1.87 -2.78
N GLY B 211 -18.39 2.14 -2.89
CA GLY B 211 -17.88 2.89 -4.02
C GLY B 211 -18.04 2.10 -5.30
N LEU B 212 -17.74 0.81 -5.25
CA LEU B 212 -17.86 -0.05 -6.43
C LEU B 212 -19.33 -0.11 -6.89
N LEU B 213 -20.24 -0.29 -5.93
CA LEU B 213 -21.67 -0.33 -6.24
C LEU B 213 -22.11 1.02 -6.82
N ALA B 214 -21.72 2.10 -6.15
CA ALA B 214 -22.04 3.44 -6.61
C ALA B 214 -21.63 3.63 -8.07
N GLY B 215 -20.52 3.01 -8.46
CA GLY B 215 -19.95 3.20 -9.77
C GLY B 215 -20.41 2.15 -10.77
N ALA B 216 -21.06 1.11 -10.25
CA ALA B 216 -21.78 0.17 -11.10
C ALA B 216 -23.17 0.70 -11.45
N GLY B 217 -24.01 0.83 -10.43
CA GLY B 217 -25.36 1.33 -10.63
C GLY B 217 -26.35 0.73 -9.65
#